data_3CSC
#
_entry.id   3CSC
#
_cell.length_a   104.000
_cell.length_b   78.100
_cell.length_c   58.300
_cell.angle_alpha   90.00
_cell.angle_beta   78.90
_cell.angle_gamma   90.00
#
_symmetry.space_group_name_H-M   'C 1 2 1'
#
loop_
_entity.id
_entity.type
_entity.pdbx_description
1 polymer 'CITRATE SYNTHASE'
2 non-polymer 'ACETYL COENZYME *A'
3 non-polymer '(2S)-2-hydroxybutanedioic acid'
4 water water
#
_entity_poly.entity_id   1
_entity_poly.type   'polypeptide(L)'
_entity_poly.pdbx_seq_one_letter_code
;ASSTNLKDVLAALIPKEQARIKTFRQQHGGTALGQITVDMSYGGMRGMKGLVYETSVLDPDEGIRFRGFSIPECQKLLPK
GG(UNK)GGEPLPEGLFWLLVTGQIPTGAQVSWLSKEWAKRAALPSHVVTMLDNFPTNLHPMSQLSAAITALNSESNFAR
AYAEGILRTKYWEMVYESAMDLIAKLPCVAAKIYRNLYRAGSSIGAIDSKLDWSHNFTNMLGYTDAQFTELMRLYLTIHS
DHEGGNVSAHTSHLVGSALSDPYLSFAAAMNGLAGPLHGLANQEVLGWLAQLQKA(UNK)(UNK)(UNK)AGADASLRDY
IWNTLNSGRVVPGYGHAVLRKTDPRYTCQREFALKHLPGDPMFKLVAQLYKIVPNVLLEQGAAANPWPNVDAHSGVLLQY
YGMTEMNYYTVLFGVSRALGVLAQLIWSRALGFPLERPKSMSTDGLIAL
;
_entity_poly.pdbx_strand_id   A
#
loop_
_chem_comp.id
_chem_comp.type
_chem_comp.name
_chem_comp.formula
ACO non-polymer 'ACETYL COENZYME *A' 'C23 H38 N7 O17 P3 S'
LMR non-polymer '(2S)-2-hydroxybutanedioic acid' 'C4 H6 O5'
#
# COMPACT_ATOMS: atom_id res chain seq x y z
N ALA A 1 -15.03 -32.28 9.26
CA ALA A 1 -13.78 -32.60 8.59
C ALA A 1 -12.79 -31.49 8.27
N SER A 2 -11.78 -31.90 7.51
CA SER A 2 -10.69 -31.09 7.00
C SER A 2 -10.15 -29.93 7.85
N SER A 3 -9.31 -29.08 7.16
CA SER A 3 -8.49 -27.96 7.67
C SER A 3 -8.65 -26.58 7.03
N THR A 4 -7.62 -25.68 7.17
CA THR A 4 -7.67 -24.27 6.68
C THR A 4 -7.69 -24.02 5.17
N ASN A 5 -8.63 -23.12 4.72
CA ASN A 5 -8.73 -22.79 3.30
C ASN A 5 -9.54 -21.58 3.02
N LEU A 6 -8.78 -20.50 2.87
CA LEU A 6 -9.33 -19.16 2.66
C LEU A 6 -10.42 -19.26 1.60
N LYS A 7 -10.09 -20.03 0.60
CA LYS A 7 -10.98 -20.12 -0.53
C LYS A 7 -12.35 -20.68 -0.20
N ASP A 8 -12.40 -21.67 0.73
CA ASP A 8 -13.62 -22.32 1.16
C ASP A 8 -14.33 -21.42 2.09
N VAL A 9 -13.54 -20.59 2.77
CA VAL A 9 -14.21 -19.61 3.66
C VAL A 9 -14.86 -18.59 2.76
N LEU A 10 -14.07 -18.06 1.83
CA LEU A 10 -14.60 -17.12 0.89
C LEU A 10 -15.89 -17.59 0.21
N ALA A 11 -15.93 -18.89 -0.17
CA ALA A 11 -17.07 -19.54 -0.82
C ALA A 11 -18.33 -19.49 0.06
N ALA A 12 -18.17 -19.42 1.35
CA ALA A 12 -19.36 -19.37 2.17
C ALA A 12 -19.84 -17.93 2.33
N LEU A 13 -18.86 -17.04 2.43
CA LEU A 13 -19.00 -15.61 2.56
C LEU A 13 -19.66 -14.91 1.29
N ILE A 14 -19.25 -15.16 0.02
CA ILE A 14 -19.79 -14.45 -1.20
C ILE A 14 -21.36 -14.35 -1.37
N PRO A 15 -22.03 -15.48 -1.41
CA PRO A 15 -23.49 -15.49 -1.53
C PRO A 15 -24.19 -14.60 -0.52
N LYS A 16 -23.83 -14.76 0.77
CA LYS A 16 -24.42 -13.91 1.82
C LYS A 16 -24.25 -12.40 1.53
N GLU A 17 -23.02 -12.01 1.16
CA GLU A 17 -22.73 -10.63 0.92
C GLU A 17 -23.52 -10.15 -0.26
N GLN A 18 -23.53 -10.96 -1.29
CA GLN A 18 -24.25 -10.66 -2.51
C GLN A 18 -25.73 -10.30 -2.24
N ALA A 19 -26.35 -11.23 -1.56
CA ALA A 19 -27.72 -11.19 -1.12
C ALA A 19 -27.93 -9.94 -0.30
N ARG A 20 -27.01 -9.76 0.62
CA ARG A 20 -27.09 -8.63 1.49
C ARG A 20 -27.02 -7.27 0.74
N ILE A 21 -26.24 -7.23 -0.35
CA ILE A 21 -26.05 -6.02 -1.16
C ILE A 21 -27.21 -5.86 -2.08
N LYS A 22 -27.83 -6.99 -2.41
CA LYS A 22 -29.10 -6.98 -3.21
C LYS A 22 -30.32 -6.26 -2.61
N THR A 23 -30.70 -6.70 -1.44
CA THR A 23 -31.79 -6.01 -0.79
C THR A 23 -31.48 -4.57 -0.45
N PHE A 24 -30.21 -4.31 -0.11
CA PHE A 24 -29.82 -2.98 0.29
C PHE A 24 -30.11 -2.05 -0.82
N ARG A 25 -29.74 -2.53 -2.03
CA ARG A 25 -29.91 -1.71 -3.18
C ARG A 25 -31.34 -1.59 -3.57
N GLN A 26 -32.08 -2.70 -3.34
CA GLN A 26 -33.48 -2.72 -3.69
C GLN A 26 -34.26 -1.72 -2.88
N GLN A 27 -33.73 -1.41 -1.78
CA GLN A 27 -34.29 -0.48 -0.93
C GLN A 27 -33.69 0.89 -0.97
N HIS A 28 -32.38 1.04 -1.33
CA HIS A 28 -31.85 2.40 -1.30
C HIS A 28 -31.08 2.83 -2.54
N GLY A 29 -31.16 2.01 -3.56
CA GLY A 29 -30.41 2.29 -4.77
C GLY A 29 -30.54 3.73 -5.24
N GLY A 30 -31.70 4.33 -4.92
CA GLY A 30 -32.11 5.66 -5.37
C GLY A 30 -31.85 6.77 -4.38
N THR A 31 -31.45 6.39 -3.19
CA THR A 31 -31.17 7.35 -2.15
C THR A 31 -29.98 8.21 -2.56
N ALA A 32 -30.13 9.52 -2.48
CA ALA A 32 -28.99 10.34 -2.87
C ALA A 32 -27.98 10.30 -1.78
N LEU A 33 -26.73 10.23 -2.18
CA LEU A 33 -25.69 10.11 -1.21
C LEU A 33 -24.99 11.38 -0.94
N GLY A 34 -25.10 12.26 -1.87
CA GLY A 34 -24.38 13.47 -1.78
C GLY A 34 -24.58 14.20 -3.08
N GLN A 35 -23.88 15.31 -3.23
CA GLN A 35 -24.01 16.13 -4.40
C GLN A 35 -22.64 16.33 -5.01
N ILE A 36 -22.62 16.76 -6.25
CA ILE A 36 -21.43 17.02 -6.92
C ILE A 36 -21.44 18.49 -7.28
N THR A 37 -20.34 19.23 -6.97
CA THR A 37 -20.23 20.65 -7.37
C THR A 37 -19.12 20.85 -8.42
N VAL A 38 -19.06 22.04 -8.99
CA VAL A 38 -18.06 22.38 -9.99
C VAL A 38 -16.64 22.21 -9.38
N ASP A 39 -16.47 22.81 -8.25
CA ASP A 39 -15.28 22.75 -7.54
C ASP A 39 -14.84 21.35 -7.29
N MET A 40 -15.76 20.43 -7.00
CA MET A 40 -15.34 19.08 -6.75
C MET A 40 -14.78 18.47 -8.05
N SER A 41 -15.36 18.88 -9.17
CA SER A 41 -15.02 18.37 -10.47
C SER A 41 -13.64 18.84 -10.87
N TYR A 42 -13.36 20.09 -10.58
CA TYR A 42 -12.11 20.71 -10.91
C TYR A 42 -11.05 20.30 -9.90
N GLY A 43 -11.57 19.87 -8.74
CA GLY A 43 -10.71 19.54 -7.65
C GLY A 43 -10.38 18.09 -7.45
N GLY A 44 -10.35 17.33 -8.49
CA GLY A 44 -9.96 15.95 -8.33
C GLY A 44 -10.87 15.15 -7.43
N MET A 45 -12.18 15.31 -7.64
CA MET A 45 -13.12 14.55 -6.85
C MET A 45 -13.01 14.75 -5.34
N ARG A 46 -12.48 15.90 -4.91
CA ARG A 46 -12.26 16.05 -3.50
C ARG A 46 -13.55 16.10 -2.75
N GLY A 47 -13.72 15.14 -1.88
CA GLY A 47 -14.93 15.15 -1.10
C GLY A 47 -16.03 14.43 -1.78
N MET A 48 -15.75 13.78 -2.86
CA MET A 48 -16.82 13.10 -3.54
C MET A 48 -17.00 11.65 -3.07
N LYS A 49 -18.20 11.23 -2.70
CA LYS A 49 -18.43 9.83 -2.27
C LYS A 49 -18.68 9.05 -3.51
N GLY A 50 -17.63 8.42 -4.00
CA GLY A 50 -17.77 7.85 -5.34
C GLY A 50 -17.51 6.38 -5.56
N LEU A 51 -16.97 5.65 -4.54
CA LEU A 51 -16.54 4.29 -4.66
C LEU A 51 -16.97 3.38 -3.56
N VAL A 52 -17.23 2.12 -3.90
CA VAL A 52 -17.48 1.23 -2.81
C VAL A 52 -16.30 0.37 -2.66
N TYR A 53 -15.72 0.39 -1.51
CA TYR A 53 -14.51 -0.36 -1.29
C TYR A 53 -14.63 -0.94 0.09
N GLU A 54 -14.32 -2.22 0.28
CA GLU A 54 -14.70 -2.78 1.54
C GLU A 54 -13.74 -3.08 2.58
N THR A 55 -12.56 -3.28 2.14
CA THR A 55 -11.62 -3.69 3.10
C THR A 55 -11.22 -2.67 4.09
N SER A 56 -11.32 -1.39 3.79
CA SER A 56 -10.87 -0.43 4.79
C SER A 56 -11.52 0.86 4.65
N VAL A 57 -11.82 1.57 5.77
CA VAL A 57 -12.48 2.85 5.64
C VAL A 57 -11.72 3.90 6.32
N LEU A 58 -11.46 5.00 5.65
CA LEU A 58 -10.64 5.99 6.32
C LEU A 58 -11.49 7.09 7.00
N ASP A 59 -11.30 7.29 8.31
CA ASP A 59 -11.96 8.38 8.98
C ASP A 59 -10.99 9.60 8.97
N PRO A 60 -11.52 10.71 8.49
CA PRO A 60 -10.88 11.99 8.41
C PRO A 60 -10.26 12.46 9.72
N ASP A 61 -10.81 12.01 10.86
CA ASP A 61 -10.26 12.43 12.15
C ASP A 61 -9.46 11.34 12.81
N GLU A 62 -10.07 10.15 12.93
CA GLU A 62 -9.50 9.04 13.67
C GLU A 62 -8.49 8.28 12.83
N GLY A 63 -8.63 8.37 11.50
CA GLY A 63 -7.69 7.62 10.66
C GLY A 63 -8.21 6.23 10.22
N ILE A 64 -7.35 5.46 9.58
CA ILE A 64 -7.71 4.23 8.92
C ILE A 64 -8.24 3.19 9.87
N ARG A 65 -9.12 2.35 9.35
CA ARG A 65 -9.68 1.19 9.97
C ARG A 65 -9.76 0.06 8.92
N PHE A 66 -9.29 -1.09 9.32
CA PHE A 66 -9.31 -2.32 8.62
C PHE A 66 -10.70 -3.05 8.81
N ARG A 67 -11.17 -3.53 9.93
CA ARG A 67 -12.62 -3.79 9.76
C ARG A 67 -13.14 -2.46 10.10
N GLY A 68 -13.35 -2.42 11.37
CA GLY A 68 -13.65 -1.28 12.10
C GLY A 68 -12.50 -1.30 13.03
N PHE A 69 -11.43 -2.09 12.61
CA PHE A 69 -10.23 -2.20 13.50
C PHE A 69 -9.20 -1.16 13.30
N SER A 70 -8.87 -0.46 14.36
CA SER A 70 -7.83 0.56 14.27
C SER A 70 -6.43 -0.08 14.38
N ILE A 71 -5.48 0.70 13.94
CA ILE A 71 -4.11 0.27 13.97
C ILE A 71 -3.68 -0.28 15.32
N PRO A 72 -3.93 0.49 16.42
CA PRO A 72 -3.62 0.01 17.76
C PRO A 72 -4.32 -1.28 18.05
N GLU A 73 -5.59 -1.36 17.59
CA GLU A 73 -6.36 -2.59 17.75
C GLU A 73 -5.71 -3.80 17.01
N CYS A 74 -5.36 -3.61 15.75
CA CYS A 74 -4.68 -4.67 15.04
C CYS A 74 -3.41 -5.13 15.80
N GLN A 75 -2.69 -4.13 16.28
CA GLN A 75 -1.49 -4.33 17.00
C GLN A 75 -1.74 -5.33 18.10
N LYS A 76 -2.86 -5.16 18.76
CA LYS A 76 -3.19 -6.01 19.87
C LYS A 76 -3.69 -7.37 19.45
N LEU A 77 -4.63 -7.42 18.48
CA LEU A 77 -5.40 -8.63 18.07
C LEU A 77 -4.83 -9.60 17.02
N LEU A 78 -3.93 -9.10 16.15
CA LEU A 78 -3.35 -9.92 15.10
C LEU A 78 -2.23 -10.80 15.67
N PRO A 79 -2.05 -12.01 15.15
CA PRO A 79 -0.97 -12.81 15.64
C PRO A 79 0.37 -12.29 15.26
N LYS A 80 1.32 -12.46 16.21
CA LYS A 80 2.69 -12.02 16.09
C LYS A 80 3.57 -13.17 15.80
N GLY A 81 4.83 -12.84 15.47
CA GLY A 81 5.86 -13.82 15.13
C GLY A 81 5.96 -14.83 16.24
N GLY A 82 5.98 -14.31 17.45
CA GLY A 82 6.17 -15.15 18.62
C GLY A 82 6.26 -14.27 19.86
N GLY A 84 8.22 -11.30 17.72
CA GLY A 84 7.33 -11.63 18.83
C GLY A 84 6.47 -10.45 19.23
N GLY A 85 6.69 -9.25 18.63
CA GLY A 85 5.92 -8.06 19.04
C GLY A 85 5.06 -7.49 17.92
N GLU A 86 5.57 -7.58 16.70
CA GLU A 86 4.79 -7.04 15.63
C GLU A 86 3.77 -7.93 14.95
N PRO A 87 2.75 -7.33 14.40
CA PRO A 87 1.73 -8.12 13.82
C PRO A 87 2.11 -8.58 12.42
N LEU A 88 1.77 -9.85 12.11
CA LEU A 88 2.06 -10.46 10.82
C LEU A 88 1.12 -9.91 9.76
N PRO A 89 1.72 -9.47 8.67
CA PRO A 89 0.95 -8.95 7.54
C PRO A 89 0.03 -10.09 7.01
N GLU A 90 0.45 -11.33 7.23
CA GLU A 90 -0.38 -12.46 6.94
C GLU A 90 -1.73 -12.35 7.57
N GLY A 91 -1.78 -12.08 8.89
CA GLY A 91 -3.05 -11.96 9.67
C GLY A 91 -3.93 -10.75 9.21
N LEU A 92 -3.27 -9.61 8.89
CA LEU A 92 -3.97 -8.47 8.34
C LEU A 92 -4.74 -8.90 7.11
N PHE A 93 -4.00 -9.64 6.25
CA PHE A 93 -4.57 -10.15 5.02
C PHE A 93 -5.80 -10.99 5.27
N TRP A 94 -5.70 -11.99 6.13
CA TRP A 94 -6.88 -12.76 6.44
C TRP A 94 -7.93 -11.80 6.88
N LEU A 95 -7.54 -10.87 7.77
CA LEU A 95 -8.55 -9.89 8.25
C LEU A 95 -9.22 -9.14 7.14
N LEU A 96 -8.41 -8.62 6.18
CA LEU A 96 -8.98 -7.82 5.11
C LEU A 96 -9.93 -8.61 4.24
N VAL A 97 -9.58 -9.87 3.98
CA VAL A 97 -10.43 -10.64 3.09
C VAL A 97 -11.71 -11.02 3.66
N THR A 98 -11.62 -11.53 4.88
CA THR A 98 -12.73 -12.14 5.57
C THR A 98 -13.48 -11.32 6.56
N GLY A 99 -12.98 -10.15 6.96
CA GLY A 99 -13.70 -9.36 8.00
C GLY A 99 -13.47 -9.91 9.39
N GLN A 100 -12.78 -11.02 9.52
CA GLN A 100 -12.58 -11.53 10.84
C GLN A 100 -11.13 -11.62 11.29
N ILE A 101 -10.90 -11.56 12.60
CA ILE A 101 -9.59 -11.77 13.15
C ILE A 101 -9.18 -13.25 13.06
N PRO A 102 -8.09 -13.48 12.42
CA PRO A 102 -7.69 -14.84 12.25
C PRO A 102 -7.05 -15.42 13.49
N THR A 103 -6.99 -16.74 13.53
CA THR A 103 -6.28 -17.49 14.53
C THR A 103 -4.81 -17.68 14.03
N GLY A 104 -3.81 -17.88 14.95
CA GLY A 104 -2.42 -18.03 14.47
C GLY A 104 -2.35 -19.19 13.46
N ALA A 105 -3.19 -20.21 13.72
CA ALA A 105 -3.23 -21.35 12.86
C ALA A 105 -3.74 -20.91 11.51
N GLN A 106 -4.69 -19.94 11.46
CA GLN A 106 -4.99 -19.50 10.08
C GLN A 106 -3.81 -18.75 9.58
N VAL A 107 -3.21 -18.01 10.45
CA VAL A 107 -2.17 -17.22 9.97
C VAL A 107 -1.05 -18.08 9.46
N SER A 108 -0.72 -19.18 10.16
CA SER A 108 0.39 -20.00 9.66
C SER A 108 0.17 -20.53 8.23
N TRP A 109 -1.11 -20.71 7.90
CA TRP A 109 -1.52 -21.18 6.59
C TRP A 109 -1.17 -20.22 5.43
N LEU A 110 -1.49 -18.91 5.56
CA LEU A 110 -1.09 -17.94 4.51
C LEU A 110 0.42 -18.02 4.33
N SER A 111 1.14 -18.19 5.47
CA SER A 111 2.59 -18.26 5.39
C SER A 111 3.05 -19.38 4.43
N LYS A 112 2.73 -20.62 4.76
CA LYS A 112 3.09 -21.74 3.89
C LYS A 112 2.66 -21.52 2.43
N GLU A 113 1.40 -21.14 2.31
CA GLU A 113 0.73 -20.88 1.06
C GLU A 113 1.48 -19.88 0.27
N TRP A 114 1.79 -18.77 0.91
CA TRP A 114 2.55 -17.77 0.22
C TRP A 114 3.93 -18.30 -0.01
N ALA A 115 4.35 -19.22 0.84
CA ALA A 115 5.69 -19.73 0.57
C ALA A 115 5.73 -20.74 -0.59
N LYS A 116 4.64 -21.48 -0.72
CA LYS A 116 4.54 -22.49 -1.75
C LYS A 116 4.49 -21.91 -3.14
N ARG A 117 3.79 -20.77 -3.26
CA ARG A 117 3.54 -20.09 -4.53
C ARG A 117 4.65 -19.23 -5.05
N ALA A 118 5.73 -19.03 -4.26
CA ALA A 118 6.78 -18.11 -4.67
C ALA A 118 7.66 -18.65 -5.75
N ALA A 119 7.53 -18.07 -6.91
CA ALA A 119 8.37 -18.54 -7.97
C ALA A 119 8.33 -17.61 -9.10
N LEU A 120 9.47 -17.48 -9.70
CA LEU A 120 9.61 -16.55 -10.75
C LEU A 120 9.90 -17.27 -12.00
N PRO A 121 9.24 -16.84 -13.03
CA PRO A 121 9.47 -17.35 -14.35
C PRO A 121 10.79 -16.78 -14.91
N SER A 122 11.43 -17.61 -15.67
CA SER A 122 12.66 -17.31 -16.34
C SER A 122 12.70 -15.99 -17.12
N HIS A 123 11.62 -15.65 -17.87
CA HIS A 123 11.64 -14.40 -18.65
C HIS A 123 11.70 -13.18 -17.76
N VAL A 124 10.99 -13.28 -16.66
CA VAL A 124 10.98 -12.20 -15.73
C VAL A 124 12.32 -11.95 -15.08
N VAL A 125 12.98 -13.05 -14.64
CA VAL A 125 14.28 -12.96 -14.04
C VAL A 125 15.22 -12.26 -15.00
N THR A 126 15.10 -12.70 -16.25
CA THR A 126 15.91 -12.21 -17.32
C THR A 126 15.90 -10.76 -17.44
N MET A 127 14.71 -10.24 -17.59
CA MET A 127 14.46 -8.80 -17.71
C MET A 127 15.02 -7.97 -16.57
N LEU A 128 14.83 -8.49 -15.38
CA LEU A 128 15.34 -7.82 -14.20
C LEU A 128 16.92 -7.74 -14.27
N ASP A 129 17.55 -8.90 -14.55
CA ASP A 129 18.99 -8.94 -14.73
C ASP A 129 19.53 -8.02 -15.87
N ASN A 130 18.78 -7.78 -16.90
CA ASN A 130 19.31 -6.91 -17.95
C ASN A 130 18.97 -5.45 -17.82
N PHE A 131 18.22 -5.09 -16.77
CA PHE A 131 17.80 -3.68 -16.62
C PHE A 131 18.94 -2.78 -16.21
N PRO A 132 18.91 -1.56 -16.64
CA PRO A 132 19.96 -0.63 -16.30
C PRO A 132 19.82 -0.15 -14.86
N THR A 133 20.95 0.26 -14.25
CA THR A 133 20.89 0.81 -12.88
C THR A 133 20.37 2.25 -12.81
N ASN A 134 20.12 2.87 -13.89
CA ASN A 134 19.53 4.17 -13.83
C ASN A 134 18.00 4.06 -14.00
N LEU A 135 17.51 2.83 -14.14
CA LEU A 135 16.06 2.59 -14.22
C LEU A 135 15.54 2.50 -12.78
N HIS A 136 14.68 3.45 -12.43
CA HIS A 136 14.16 3.55 -11.11
C HIS A 136 13.61 2.25 -10.64
N PRO A 137 13.74 1.97 -9.33
CA PRO A 137 13.23 0.73 -8.70
C PRO A 137 11.71 0.48 -8.90
N MET A 138 10.95 1.56 -8.89
CA MET A 138 9.51 1.39 -9.05
C MET A 138 9.18 0.96 -10.48
N SER A 139 9.99 1.48 -11.40
CA SER A 139 9.92 1.23 -12.83
C SER A 139 10.18 -0.21 -13.10
N GLN A 140 11.31 -0.66 -12.55
CA GLN A 140 11.62 -2.06 -12.68
C GLN A 140 10.52 -2.97 -12.08
N LEU A 141 9.92 -2.59 -10.91
CA LEU A 141 8.92 -3.42 -10.23
C LEU A 141 7.68 -3.56 -11.12
N SER A 142 7.19 -2.39 -11.53
CA SER A 142 6.05 -2.29 -12.41
C SER A 142 6.25 -3.08 -13.77
N ALA A 143 7.33 -2.82 -14.50
CA ALA A 143 7.54 -3.61 -15.76
C ALA A 143 7.60 -5.11 -15.46
N ALA A 144 8.21 -5.48 -14.31
CA ALA A 144 8.25 -6.88 -13.96
C ALA A 144 6.87 -7.51 -13.68
N ILE A 145 6.00 -6.80 -12.95
CA ILE A 145 4.67 -7.36 -12.65
C ILE A 145 3.84 -7.40 -13.85
N THR A 146 3.86 -6.32 -14.69
CA THR A 146 3.15 -6.39 -15.99
C THR A 146 3.65 -7.61 -16.78
N ALA A 147 4.97 -7.84 -16.76
CA ALA A 147 5.51 -8.98 -17.51
C ALA A 147 5.09 -10.35 -16.88
N LEU A 148 4.62 -10.42 -15.63
CA LEU A 148 4.21 -11.72 -15.04
C LEU A 148 2.82 -12.13 -15.51
N ASN A 149 2.16 -11.26 -16.26
CA ASN A 149 0.79 -11.54 -16.57
C ASN A 149 0.62 -12.74 -17.52
N SER A 150 1.71 -13.16 -18.18
CA SER A 150 1.71 -14.37 -19.06
C SER A 150 1.34 -15.56 -18.20
N GLU A 151 1.35 -15.37 -16.90
CA GLU A 151 1.13 -16.48 -16.02
C GLU A 151 -0.22 -16.48 -15.44
N SER A 152 -0.98 -15.46 -15.82
CA SER A 152 -2.29 -15.20 -15.25
C SER A 152 -3.30 -16.34 -15.35
N ASN A 153 -3.88 -16.75 -14.23
CA ASN A 153 -4.91 -17.79 -14.19
C ASN A 153 -6.29 -17.19 -14.55
N PHE A 154 -6.46 -15.91 -14.31
CA PHE A 154 -7.72 -15.28 -14.69
C PHE A 154 -7.68 -14.96 -16.20
N ALA A 155 -6.50 -14.54 -16.70
CA ALA A 155 -6.32 -14.20 -18.12
C ALA A 155 -6.55 -15.40 -18.97
N ARG A 156 -6.11 -16.52 -18.49
CA ARG A 156 -6.29 -17.80 -19.15
C ARG A 156 -7.75 -18.28 -19.05
N ALA A 157 -8.27 -18.17 -17.89
CA ALA A 157 -9.63 -18.63 -17.74
C ALA A 157 -10.61 -17.86 -18.62
N TYR A 158 -10.42 -16.52 -18.66
CA TYR A 158 -11.22 -15.56 -19.44
C TYR A 158 -11.22 -15.98 -20.88
N ALA A 159 -10.04 -16.03 -21.46
CA ALA A 159 -9.87 -16.54 -22.82
C ALA A 159 -10.51 -17.90 -23.04
N GLU A 160 -10.64 -18.70 -22.02
CA GLU A 160 -11.34 -19.92 -22.23
C GLU A 160 -12.86 -19.72 -22.22
N GLY A 161 -13.36 -18.58 -21.77
CA GLY A 161 -14.78 -18.33 -21.80
C GLY A 161 -15.54 -18.64 -20.53
N ILE A 162 -14.88 -18.70 -19.40
CA ILE A 162 -15.68 -18.99 -18.19
C ILE A 162 -16.84 -18.05 -17.94
N LEU A 163 -17.87 -18.59 -17.35
CA LEU A 163 -19.04 -17.87 -16.92
C LEU A 163 -18.61 -16.72 -15.98
N ARG A 164 -19.18 -15.55 -16.10
CA ARG A 164 -18.81 -14.48 -15.16
C ARG A 164 -18.97 -14.75 -13.63
N THR A 165 -19.84 -15.68 -13.20
CA THR A 165 -19.95 -15.97 -11.75
C THR A 165 -18.68 -16.52 -11.10
N LYS A 166 -17.84 -17.13 -11.89
CA LYS A 166 -16.64 -17.70 -11.37
C LYS A 166 -15.37 -16.79 -11.40
N TYR A 167 -15.48 -15.52 -11.83
CA TYR A 167 -14.30 -14.65 -11.90
C TYR A 167 -13.55 -14.65 -10.58
N TRP A 168 -14.26 -14.28 -9.49
CA TRP A 168 -13.64 -14.19 -8.20
C TRP A 168 -12.68 -15.40 -7.89
N GLU A 169 -13.03 -16.57 -8.36
CA GLU A 169 -12.17 -17.72 -8.10
C GLU A 169 -10.78 -17.69 -8.70
N MET A 170 -10.63 -17.10 -9.90
CA MET A 170 -9.33 -17.03 -10.60
C MET A 170 -8.55 -15.83 -10.17
N VAL A 171 -9.30 -14.82 -9.77
CA VAL A 171 -8.71 -13.66 -9.27
C VAL A 171 -7.92 -14.04 -7.97
N TYR A 172 -8.57 -14.79 -7.12
CA TYR A 172 -8.03 -15.18 -5.86
C TYR A 172 -6.67 -15.96 -6.02
N GLU A 173 -6.65 -16.91 -6.97
CA GLU A 173 -5.45 -17.64 -7.28
C GLU A 173 -4.39 -16.63 -7.74
N SER A 174 -4.81 -15.80 -8.69
CA SER A 174 -4.06 -14.69 -9.25
C SER A 174 -3.38 -13.85 -8.14
N ALA A 175 -4.23 -13.33 -7.23
CA ALA A 175 -3.78 -12.56 -6.07
C ALA A 175 -2.84 -13.33 -5.10
N MET A 176 -3.13 -14.62 -4.82
CA MET A 176 -2.28 -15.36 -3.90
C MET A 176 -0.91 -15.65 -4.49
N ASP A 177 -0.93 -15.95 -5.77
CA ASP A 177 0.30 -16.12 -6.52
C ASP A 177 1.16 -14.83 -6.60
N LEU A 178 0.48 -13.68 -6.74
CA LEU A 178 1.08 -12.36 -6.89
C LEU A 178 1.78 -11.93 -5.61
N ILE A 179 1.00 -12.02 -4.52
CA ILE A 179 1.52 -11.68 -3.22
C ILE A 179 2.73 -12.54 -2.95
N ALA A 180 2.54 -13.78 -3.22
CA ALA A 180 3.57 -14.77 -3.01
C ALA A 180 4.88 -14.39 -3.76
N LYS A 181 4.73 -13.88 -4.97
CA LYS A 181 5.90 -13.60 -5.81
C LYS A 181 6.59 -12.30 -5.50
N LEU A 182 5.78 -11.32 -5.07
CA LEU A 182 6.25 -9.96 -4.83
C LEU A 182 7.64 -9.83 -4.17
N PRO A 183 7.80 -10.42 -3.05
CA PRO A 183 9.07 -10.31 -2.38
C PRO A 183 10.26 -10.84 -3.18
N CYS A 184 10.07 -11.86 -3.95
CA CYS A 184 11.13 -12.34 -4.78
C CYS A 184 11.55 -11.30 -5.77
N VAL A 185 10.56 -10.73 -6.44
CA VAL A 185 10.76 -9.67 -7.42
C VAL A 185 11.45 -8.48 -6.80
N ALA A 186 10.86 -8.02 -5.66
CA ALA A 186 11.39 -6.86 -4.96
C ALA A 186 12.88 -7.03 -4.48
N ALA A 187 13.13 -8.12 -3.85
CA ALA A 187 14.46 -8.46 -3.39
C ALA A 187 15.45 -8.62 -4.57
N LYS A 188 14.99 -9.16 -5.73
CA LYS A 188 15.85 -9.34 -6.87
C LYS A 188 16.33 -8.00 -7.44
N ILE A 189 15.46 -7.01 -7.39
CA ILE A 189 15.77 -5.67 -7.78
C ILE A 189 16.84 -5.05 -6.86
N TYR A 190 16.64 -5.24 -5.55
CA TYR A 190 17.46 -4.68 -4.49
C TYR A 190 18.91 -5.16 -4.61
N ARG A 191 18.94 -6.44 -4.81
CA ARG A 191 20.10 -7.26 -4.90
C ARG A 191 20.88 -6.86 -6.20
N ASN A 192 20.16 -6.73 -7.29
CA ASN A 192 20.84 -6.35 -8.56
C ASN A 192 21.41 -4.95 -8.50
N LEU A 193 20.66 -4.09 -7.86
CA LEU A 193 20.97 -2.67 -7.82
C LEU A 193 21.93 -2.29 -6.70
N TYR A 194 21.77 -2.95 -5.54
CA TYR A 194 22.57 -2.63 -4.39
C TYR A 194 23.56 -3.73 -3.95
N ARG A 195 23.36 -5.01 -4.35
CA ARG A 195 24.27 -6.09 -3.92
C ARG A 195 24.75 -6.90 -5.05
N ALA A 196 25.15 -6.21 -6.13
CA ALA A 196 25.57 -6.85 -7.36
C ALA A 196 26.47 -8.09 -7.21
N GLY A 197 26.02 -9.20 -7.81
CA GLY A 197 26.78 -10.42 -7.81
C GLY A 197 26.26 -11.42 -6.81
N SER A 198 25.42 -10.95 -5.91
CA SER A 198 24.90 -11.87 -4.95
C SER A 198 23.58 -12.39 -5.47
N SER A 199 22.87 -13.24 -4.68
CA SER A 199 21.59 -13.82 -5.09
C SER A 199 20.58 -13.85 -3.99
N ILE A 200 19.33 -13.91 -4.41
CA ILE A 200 18.29 -13.86 -3.45
C ILE A 200 18.17 -15.06 -2.61
N GLY A 201 18.67 -16.17 -3.08
CA GLY A 201 18.52 -17.33 -2.24
C GLY A 201 17.07 -17.85 -2.29
N ALA A 202 16.72 -18.78 -1.41
CA ALA A 202 15.39 -19.31 -1.50
C ALA A 202 14.52 -19.10 -0.32
N ILE A 203 13.26 -19.28 -0.61
CA ILE A 203 12.19 -19.13 0.30
C ILE A 203 12.13 -20.39 1.14
N ASP A 204 11.92 -20.15 2.42
CA ASP A 204 11.85 -21.14 3.45
C ASP A 204 10.45 -21.26 3.91
N SER A 205 9.87 -22.37 3.53
CA SER A 205 8.50 -22.69 3.86
C SER A 205 8.19 -22.46 5.32
N LYS A 206 9.20 -22.51 6.18
CA LYS A 206 8.87 -22.36 7.56
C LYS A 206 8.83 -20.94 8.05
N LEU A 207 9.30 -20.03 7.26
CA LEU A 207 9.20 -18.72 7.81
C LEU A 207 7.93 -18.02 7.41
N ASP A 208 7.70 -16.90 8.08
CA ASP A 208 6.62 -16.00 7.74
C ASP A 208 7.12 -15.11 6.57
N TRP A 209 6.21 -14.70 5.76
CA TRP A 209 6.43 -13.86 4.58
C TRP A 209 7.47 -12.73 4.77
N SER A 210 7.39 -11.93 5.91
CA SER A 210 8.29 -10.82 6.23
C SER A 210 9.74 -11.24 6.43
N HIS A 211 9.86 -12.27 7.23
CA HIS A 211 11.14 -12.86 7.52
C HIS A 211 11.71 -13.47 6.24
N ASN A 212 10.95 -14.08 5.36
CA ASN A 212 11.65 -14.55 4.10
C ASN A 212 12.07 -13.36 3.28
N PHE A 213 11.31 -12.24 3.38
CA PHE A 213 11.64 -11.04 2.58
C PHE A 213 12.98 -10.43 3.00
N THR A 214 13.14 -10.24 4.32
CA THR A 214 14.36 -9.72 4.97
C THR A 214 15.58 -10.53 4.69
N ASN A 215 15.44 -11.86 4.71
CA ASN A 215 16.53 -12.74 4.33
C ASN A 215 16.92 -12.47 2.86
N MET A 216 15.91 -12.47 1.97
CA MET A 216 16.20 -12.27 0.54
C MET A 216 16.83 -10.89 0.33
N LEU A 217 16.56 -9.96 1.25
CA LEU A 217 17.09 -8.58 1.17
C LEU A 217 18.46 -8.57 1.79
N GLY A 218 18.73 -9.58 2.59
CA GLY A 218 20.05 -9.74 3.19
C GLY A 218 20.21 -9.17 4.56
N TYR A 219 19.15 -8.80 5.20
CA TYR A 219 19.25 -8.24 6.54
C TYR A 219 19.13 -9.29 7.63
N THR A 220 20.05 -9.24 8.59
CA THR A 220 20.05 -10.21 9.68
C THR A 220 19.52 -9.68 10.97
N ASP A 221 19.54 -8.38 11.14
CA ASP A 221 19.08 -7.80 12.39
C ASP A 221 17.68 -8.23 12.76
N ALA A 222 17.60 -8.91 13.89
CA ALA A 222 16.36 -9.39 14.40
C ALA A 222 15.23 -8.30 14.50
N GLN A 223 15.59 -7.09 14.94
CA GLN A 223 14.66 -6.00 15.14
C GLN A 223 14.26 -5.44 13.79
N PHE A 224 15.12 -5.61 12.79
CA PHE A 224 14.79 -5.20 11.46
C PHE A 224 13.57 -6.00 10.91
N THR A 225 13.54 -7.29 11.23
CA THR A 225 12.43 -8.17 10.84
C THR A 225 11.09 -7.68 11.42
N GLU A 226 11.18 -7.17 12.62
CA GLU A 226 10.08 -6.66 13.33
C GLU A 226 9.59 -5.41 12.67
N LEU A 227 10.56 -4.56 12.26
CA LEU A 227 10.24 -3.36 11.53
C LEU A 227 9.43 -3.74 10.32
N MET A 228 10.01 -4.64 9.50
CA MET A 228 9.38 -5.11 8.24
C MET A 228 7.91 -5.55 8.43
N ARG A 229 7.67 -6.40 9.45
CA ARG A 229 6.34 -6.94 9.80
C ARG A 229 5.32 -5.85 10.09
N LEU A 230 5.72 -4.81 10.84
CA LEU A 230 4.81 -3.64 11.09
C LEU A 230 4.61 -2.85 9.80
N TYR A 231 5.73 -2.59 9.16
CA TYR A 231 5.74 -1.82 7.94
C TYR A 231 4.78 -2.36 6.89
N LEU A 232 4.90 -3.67 6.61
CA LEU A 232 4.11 -4.28 5.60
C LEU A 232 2.66 -4.34 6.04
N THR A 233 2.46 -4.41 7.32
CA THR A 233 1.11 -4.39 7.81
C THR A 233 0.51 -2.98 7.68
N ILE A 234 1.18 -1.97 8.20
CA ILE A 234 0.53 -0.65 8.21
C ILE A 234 0.41 0.01 6.83
N HIS A 235 1.20 -0.44 5.85
CA HIS A 235 1.11 0.14 4.53
C HIS A 235 0.04 -0.55 3.70
N SER A 236 -0.43 -1.70 4.18
CA SER A 236 -1.49 -2.58 3.55
C SER A 236 -2.49 -1.88 2.62
N ASP A 237 -3.34 -1.06 3.23
CA ASP A 237 -4.47 -0.45 2.56
C ASP A 237 -4.88 0.89 3.17
N HIS A 238 -5.53 1.72 2.39
CA HIS A 238 -5.95 2.94 2.93
C HIS A 238 -7.16 3.40 2.19
N GLU A 239 -8.22 2.63 2.33
CA GLU A 239 -9.44 2.88 1.64
C GLU A 239 -9.24 2.84 0.13
N GLY A 240 -10.27 3.05 -0.70
CA GLY A 240 -10.11 2.83 -2.16
C GLY A 240 -9.91 4.04 -3.00
N GLY A 241 -10.00 5.20 -2.41
CA GLY A 241 -9.84 6.46 -3.24
C GLY A 241 -8.42 7.03 -3.40
N ASN A 242 -7.47 6.40 -2.78
CA ASN A 242 -6.11 6.82 -2.94
C ASN A 242 -5.62 6.34 -4.31
N VAL A 243 -4.74 7.08 -4.91
CA VAL A 243 -4.38 6.80 -6.30
C VAL A 243 -4.09 5.35 -6.62
N SER A 244 -3.26 4.76 -5.80
CA SER A 244 -2.83 3.44 -6.02
C SER A 244 -4.00 2.46 -5.95
N ALA A 245 -4.67 2.39 -4.84
CA ALA A 245 -5.82 1.50 -4.78
C ALA A 245 -6.86 1.80 -5.88
N HIS A 246 -7.31 3.05 -5.99
CA HIS A 246 -8.34 3.42 -6.95
C HIS A 246 -7.92 2.98 -8.36
N THR A 247 -6.60 3.03 -8.66
CA THR A 247 -6.14 2.67 -9.99
C THR A 247 -6.38 1.21 -10.27
N SER A 248 -6.04 0.40 -9.26
CA SER A 248 -6.18 -1.00 -9.37
C SER A 248 -7.64 -1.36 -9.57
N HIS A 249 -8.50 -0.62 -8.87
CA HIS A 249 -9.91 -0.85 -8.92
C HIS A 249 -10.41 -0.52 -10.32
N LEU A 250 -10.06 0.67 -10.82
CA LEU A 250 -10.37 1.19 -12.11
C LEU A 250 -9.94 0.20 -13.26
N VAL A 251 -8.67 -0.20 -13.31
CA VAL A 251 -8.20 -1.12 -14.37
C VAL A 251 -8.81 -2.53 -14.20
N GLY A 252 -8.88 -2.99 -12.95
CA GLY A 252 -9.41 -4.30 -12.66
C GLY A 252 -10.84 -4.37 -13.17
N SER A 253 -11.48 -3.20 -13.24
CA SER A 253 -12.88 -3.13 -13.64
C SER A 253 -13.16 -3.35 -15.10
N ALA A 254 -12.13 -3.31 -15.88
CA ALA A 254 -12.24 -3.65 -17.29
C ALA A 254 -11.93 -5.11 -17.59
N LEU A 255 -11.67 -5.92 -16.52
CA LEU A 255 -11.28 -7.33 -16.65
C LEU A 255 -9.82 -7.65 -16.92
N SER A 256 -8.95 -6.62 -16.77
CA SER A 256 -7.51 -6.83 -16.89
C SER A 256 -7.16 -7.67 -15.70
N ASP A 257 -6.31 -8.59 -15.88
CA ASP A 257 -5.98 -9.48 -14.79
C ASP A 257 -5.34 -8.76 -13.61
N PRO A 258 -5.23 -9.42 -12.48
CA PRO A 258 -4.63 -8.81 -11.28
C PRO A 258 -3.15 -8.33 -11.40
N TYR A 259 -2.40 -8.93 -12.29
CA TYR A 259 -1.01 -8.54 -12.52
C TYR A 259 -1.00 -7.17 -13.16
N LEU A 260 -1.76 -7.04 -14.24
CA LEU A 260 -1.94 -5.76 -14.91
C LEU A 260 -2.58 -4.73 -14.01
N SER A 261 -3.55 -5.08 -13.16
CA SER A 261 -4.08 -3.98 -12.34
C SER A 261 -3.09 -3.54 -11.27
N PHE A 262 -2.34 -4.48 -10.72
CA PHE A 262 -1.41 -4.11 -9.66
C PHE A 262 -0.29 -3.27 -10.24
N ALA A 263 0.29 -3.69 -11.39
CA ALA A 263 1.35 -2.91 -12.05
C ALA A 263 0.88 -1.42 -12.38
N ALA A 264 -0.39 -1.21 -12.80
CA ALA A 264 -0.91 0.14 -13.05
C ALA A 264 -0.90 0.88 -11.71
N ALA A 265 -1.32 0.16 -10.69
CA ALA A 265 -1.36 0.69 -9.35
C ALA A 265 0.01 1.21 -8.96
N MET A 266 1.04 0.50 -9.28
CA MET A 266 2.39 1.00 -8.92
C MET A 266 2.82 2.23 -9.75
N ASN A 267 2.36 2.35 -10.96
CA ASN A 267 2.70 3.53 -11.69
C ASN A 267 2.15 4.78 -10.97
N GLY A 268 1.09 4.53 -10.23
CA GLY A 268 0.39 5.53 -9.37
C GLY A 268 1.13 5.79 -8.07
N LEU A 269 1.52 4.71 -7.32
CA LEU A 269 2.34 4.74 -6.08
C LEU A 269 3.62 5.49 -6.35
N ALA A 270 4.00 5.41 -7.58
CA ALA A 270 5.24 6.02 -7.94
C ALA A 270 5.20 7.48 -8.10
N GLY A 271 3.99 8.09 -8.01
CA GLY A 271 3.89 9.57 -8.18
C GLY A 271 4.44 10.34 -6.94
N PRO A 272 5.11 11.48 -7.10
CA PRO A 272 5.64 12.20 -5.97
C PRO A 272 4.63 12.54 -4.92
N LEU A 273 3.41 12.76 -5.38
CA LEU A 273 2.29 13.21 -4.55
C LEU A 273 1.74 12.02 -3.79
N HIS A 274 2.22 10.85 -4.18
CA HIS A 274 1.73 9.66 -3.54
C HIS A 274 2.83 8.88 -2.80
N GLY A 275 2.96 7.59 -3.08
CA GLY A 275 3.92 6.78 -2.36
C GLY A 275 5.38 7.26 -2.44
N LEU A 276 5.81 7.82 -3.58
CA LEU A 276 7.14 8.30 -3.77
C LEU A 276 7.57 9.27 -2.64
N ALA A 277 6.58 9.86 -1.95
CA ALA A 277 6.78 10.72 -0.76
C ALA A 277 7.76 10.07 0.22
N ASN A 278 7.64 8.75 0.36
CA ASN A 278 8.57 7.84 1.05
C ASN A 278 9.99 8.34 0.85
N GLN A 279 10.33 8.48 -0.44
CA GLN A 279 11.67 8.69 -0.90
C GLN A 279 12.05 10.10 -0.88
N GLU A 280 11.04 10.91 -1.22
CA GLU A 280 11.13 12.35 -1.28
C GLU A 280 11.47 12.96 0.06
N VAL A 281 10.89 12.41 1.12
CA VAL A 281 11.21 12.88 2.46
C VAL A 281 12.67 12.67 2.73
N LEU A 282 13.17 11.49 2.43
CA LEU A 282 14.56 11.23 2.75
C LEU A 282 15.56 12.19 2.09
N GLY A 283 15.39 12.40 0.79
CA GLY A 283 16.22 13.31 0.02
C GLY A 283 16.14 14.75 0.57
N TRP A 284 14.96 15.13 0.96
CA TRP A 284 14.74 16.44 1.46
C TRP A 284 15.43 16.54 2.77
N LEU A 285 15.35 15.45 3.58
CA LEU A 285 16.05 15.43 4.86
C LEU A 285 17.54 15.49 4.65
N ALA A 286 17.99 14.68 3.65
CA ALA A 286 19.39 14.60 3.21
C ALA A 286 19.90 16.00 2.74
N GLN A 287 19.11 16.69 1.96
CA GLN A 287 19.43 18.06 1.54
C GLN A 287 19.50 19.05 2.73
N LEU A 288 18.56 18.88 3.65
CA LEU A 288 18.40 19.76 4.76
C LEU A 288 19.69 19.71 5.48
N GLN A 289 19.97 18.56 6.07
CA GLN A 289 21.23 18.35 6.79
C GLN A 289 22.45 18.71 6.02
N LYS A 290 22.33 18.93 4.75
CA LYS A 290 23.53 19.19 3.99
C LYS A 290 23.84 20.65 3.91
N ALA A 291 22.78 21.44 3.79
CA ALA A 291 22.92 22.87 3.71
C ALA A 291 22.83 23.43 5.11
N ALA A 295 22.32 19.05 13.39
CA ALA A 295 21.80 19.73 14.57
C ALA A 295 21.60 21.27 14.43
N GLY A 296 20.53 21.69 13.70
CA GLY A 296 20.19 23.11 13.48
C GLY A 296 19.16 23.71 14.48
N ALA A 297 19.10 25.04 14.50
CA ALA A 297 18.15 25.87 15.23
C ALA A 297 16.74 25.65 14.71
N ASP A 298 15.73 25.81 15.53
CA ASP A 298 14.37 25.76 14.99
C ASP A 298 14.18 26.80 13.90
N ALA A 299 14.89 27.89 14.03
CA ALA A 299 14.76 28.97 13.11
C ALA A 299 15.41 28.71 11.73
N SER A 300 16.57 28.10 11.72
CA SER A 300 17.21 27.84 10.46
C SER A 300 16.34 26.76 9.74
N LEU A 301 15.64 25.98 10.53
CA LEU A 301 14.80 24.91 10.03
C LEU A 301 13.61 25.54 9.42
N ARG A 302 13.31 26.65 9.99
CA ARG A 302 12.16 27.29 9.49
C ARG A 302 12.45 28.05 8.19
N ASP A 303 13.65 28.62 8.10
CA ASP A 303 14.02 29.35 6.91
C ASP A 303 14.03 28.37 5.73
N TYR A 304 14.34 27.17 6.09
CA TYR A 304 14.50 26.06 5.19
C TYR A 304 13.20 25.64 4.52
N ILE A 305 12.15 25.50 5.37
CA ILE A 305 10.79 25.17 4.96
C ILE A 305 10.21 26.24 4.06
N TRP A 306 10.44 27.52 4.37
CA TRP A 306 9.88 28.62 3.58
C TRP A 306 10.53 28.66 2.19
N ASN A 307 11.71 28.25 2.17
CA ASN A 307 12.42 28.30 0.94
C ASN A 307 11.83 27.27 -0.03
N THR A 308 11.36 26.16 0.52
CA THR A 308 10.73 25.16 -0.31
C THR A 308 9.39 25.67 -0.80
N LEU A 309 8.63 26.23 0.15
CA LEU A 309 7.37 26.72 -0.15
C LEU A 309 7.49 27.84 -1.18
N ASN A 310 8.49 28.68 -0.99
CA ASN A 310 8.60 29.83 -1.83
C ASN A 310 9.00 29.44 -3.20
N SER A 311 9.55 28.21 -3.31
CA SER A 311 10.05 27.79 -4.58
C SER A 311 9.03 27.04 -5.34
N GLY A 312 7.83 27.00 -4.83
CA GLY A 312 6.78 26.32 -5.53
C GLY A 312 6.88 24.80 -5.58
N ARG A 313 7.45 24.20 -4.50
CA ARG A 313 7.57 22.74 -4.31
C ARG A 313 6.75 22.36 -3.11
N VAL A 314 6.57 21.09 -2.92
CA VAL A 314 5.85 20.76 -1.74
C VAL A 314 6.79 20.33 -0.67
N VAL A 315 6.28 20.44 0.55
CA VAL A 315 6.99 19.87 1.62
C VAL A 315 6.59 18.36 1.67
N PRO A 316 7.53 17.45 1.56
CA PRO A 316 7.12 16.06 1.50
C PRO A 316 6.66 15.47 2.84
N GLY A 317 5.72 14.52 2.86
CA GLY A 317 5.45 13.80 4.10
C GLY A 317 4.49 14.52 5.01
N TYR A 318 3.87 15.53 4.43
CA TYR A 318 2.92 16.40 5.19
C TYR A 318 1.72 16.73 4.37
N GLY A 319 0.57 16.68 4.98
CA GLY A 319 -0.64 16.93 4.26
C GLY A 319 -1.27 15.58 3.92
N HIS A 320 -2.53 15.66 3.58
CA HIS A 320 -3.29 14.52 3.22
C HIS A 320 -4.65 14.93 2.56
N ALA A 321 -5.11 14.20 1.58
CA ALA A 321 -6.38 14.61 0.98
C ALA A 321 -7.57 14.34 1.87
N VAL A 322 -7.45 13.39 2.80
CA VAL A 322 -8.66 13.04 3.55
C VAL A 322 -8.47 13.30 5.03
N LEU A 323 -7.29 12.94 5.51
CA LEU A 323 -7.01 13.09 6.89
C LEU A 323 -7.05 14.54 7.29
N ARG A 324 -7.53 14.77 8.54
CA ARG A 324 -7.56 16.11 9.07
C ARG A 324 -6.69 16.28 10.28
N LYS A 325 -6.07 15.20 10.67
CA LYS A 325 -5.22 15.10 11.82
C LYS A 325 -3.95 14.31 11.51
N THR A 326 -3.09 14.26 12.46
CA THR A 326 -1.94 13.47 12.30
C THR A 326 -2.25 12.01 11.98
N ASP A 327 -1.63 11.46 10.95
CA ASP A 327 -1.85 10.09 10.54
C ASP A 327 -1.50 9.11 11.68
N PRO A 328 -2.42 8.27 12.11
CA PRO A 328 -2.04 7.32 13.11
C PRO A 328 -0.94 6.39 12.56
N ARG A 329 -0.69 6.44 11.27
CA ARG A 329 0.39 5.59 10.70
C ARG A 329 1.78 6.20 11.13
N TYR A 330 1.75 7.54 11.22
CA TYR A 330 2.86 8.34 11.61
C TYR A 330 3.07 8.12 13.05
N THR A 331 2.03 8.24 13.87
CA THR A 331 2.23 8.03 15.32
C THR A 331 2.84 6.65 15.63
N CYS A 332 2.30 5.65 14.92
CA CYS A 332 2.69 4.25 15.01
C CYS A 332 4.16 4.06 14.78
N GLN A 333 4.65 4.78 13.78
CA GLN A 333 6.03 4.72 13.46
C GLN A 333 6.87 5.39 14.52
N ARG A 334 6.36 6.52 14.98
CA ARG A 334 6.98 7.30 16.02
C ARG A 334 7.21 6.46 17.30
N GLU A 335 6.16 5.79 17.73
CA GLU A 335 6.24 4.91 18.89
C GLU A 335 7.22 3.76 18.67
N PHE A 336 7.38 3.32 17.45
CA PHE A 336 8.36 2.28 17.18
C PHE A 336 9.78 2.83 17.41
N ALA A 337 10.01 4.04 16.89
CA ALA A 337 11.31 4.77 17.01
C ALA A 337 11.66 5.05 18.48
N LEU A 338 10.67 5.51 19.25
CA LEU A 338 10.92 5.80 20.63
C LEU A 338 11.33 4.57 21.38
N LYS A 339 10.82 3.37 21.00
CA LYS A 339 11.27 2.16 21.69
C LYS A 339 12.63 1.71 21.22
N HIS A 340 12.91 1.84 19.92
CA HIS A 340 14.13 1.25 19.35
C HIS A 340 15.25 2.13 18.88
N LEU A 341 15.01 3.34 18.53
CA LEU A 341 16.07 4.18 18.01
C LEU A 341 15.89 5.66 18.43
N PRO A 342 15.58 5.83 19.71
CA PRO A 342 15.26 7.14 20.21
C PRO A 342 16.38 8.14 20.11
N GLY A 343 17.63 7.72 20.02
CA GLY A 343 18.72 8.70 20.02
C GLY A 343 19.24 9.01 18.62
N ASP A 344 18.61 8.39 17.62
CA ASP A 344 19.06 8.57 16.25
C ASP A 344 18.78 9.99 15.85
N PRO A 345 19.83 10.64 15.32
CA PRO A 345 19.86 12.01 14.87
C PRO A 345 18.86 12.33 13.80
N MET A 346 18.73 11.42 12.84
CA MET A 346 17.75 11.56 11.78
C MET A 346 16.36 11.53 12.40
N PHE A 347 16.22 10.64 13.38
CA PHE A 347 14.97 10.49 14.10
C PHE A 347 14.65 11.74 14.85
N LYS A 348 15.66 12.23 15.55
CA LYS A 348 15.54 13.46 16.30
C LYS A 348 15.16 14.56 15.36
N LEU A 349 15.78 14.57 14.17
CA LEU A 349 15.43 15.53 13.16
C LEU A 349 13.94 15.40 12.73
N VAL A 350 13.46 14.17 12.49
CA VAL A 350 12.07 14.01 12.23
C VAL A 350 11.17 14.46 13.37
N ALA A 351 11.59 14.24 14.64
CA ALA A 351 10.78 14.74 15.76
C ALA A 351 10.74 16.24 15.77
N GLN A 352 11.84 16.90 15.37
CA GLN A 352 11.92 18.40 15.36
C GLN A 352 11.02 19.07 14.30
N LEU A 353 10.98 18.48 13.13
CA LEU A 353 10.22 19.00 12.03
C LEU A 353 8.80 19.02 12.44
N TYR A 354 8.44 17.93 13.20
CA TYR A 354 7.08 17.75 13.69
C TYR A 354 6.66 18.97 14.52
N LYS A 355 7.62 19.56 15.22
CA LYS A 355 7.27 20.75 15.96
C LYS A 355 7.26 21.99 15.10
N ILE A 356 7.85 21.96 13.89
CA ILE A 356 7.87 23.21 13.07
C ILE A 356 6.94 23.24 11.85
N VAL A 357 7.13 22.24 11.03
CA VAL A 357 6.45 22.06 9.79
C VAL A 357 4.93 22.45 9.79
N PRO A 358 4.15 21.80 10.64
CA PRO A 358 2.76 22.09 10.63
C PRO A 358 2.46 23.57 10.92
N ASN A 359 3.28 24.13 11.80
CA ASN A 359 3.12 25.54 12.16
C ASN A 359 3.38 26.45 10.93
N VAL A 360 4.39 26.09 10.21
CA VAL A 360 4.76 26.82 9.04
C VAL A 360 3.69 26.64 7.99
N LEU A 361 3.24 25.39 7.83
CA LEU A 361 2.16 25.15 6.88
C LEU A 361 0.88 25.93 7.27
N LEU A 362 0.58 26.02 8.57
CA LEU A 362 -0.59 26.80 9.02
C LEU A 362 -0.38 28.24 8.65
N GLU A 363 0.85 28.67 8.80
CA GLU A 363 1.22 30.02 8.45
C GLU A 363 0.91 30.33 7.01
N GLN A 364 1.49 29.55 6.12
CA GLN A 364 1.23 29.79 4.69
C GLN A 364 -0.26 29.89 4.25
N GLY A 365 -1.18 29.19 4.94
CA GLY A 365 -2.64 29.19 4.70
C GLY A 365 -3.19 28.52 3.41
N ALA A 366 -2.50 27.50 2.91
CA ALA A 366 -2.94 26.81 1.72
C ALA A 366 -3.31 25.32 1.98
N ALA A 367 -2.42 24.56 2.66
CA ALA A 367 -2.71 23.18 3.03
C ALA A 367 -3.93 23.10 3.96
N ALA A 368 -4.82 22.19 3.62
CA ALA A 368 -5.98 21.97 4.41
C ALA A 368 -5.59 21.12 5.67
N ASN A 369 -4.64 20.28 5.53
CA ASN A 369 -4.18 19.45 6.61
C ASN A 369 -2.67 19.55 6.71
N PRO A 370 -2.20 20.22 7.75
CA PRO A 370 -0.81 20.54 7.94
C PRO A 370 0.00 19.52 8.71
N TRP A 371 -0.62 18.37 9.01
CA TRP A 371 -0.02 17.29 9.78
C TRP A 371 0.71 16.26 8.93
N PRO A 372 1.63 15.51 9.54
CA PRO A 372 2.43 14.56 8.83
C PRO A 372 1.64 13.33 8.39
N ASN A 373 1.99 12.73 7.29
CA ASN A 373 1.31 11.53 6.95
C ASN A 373 2.39 10.44 7.03
N VAL A 374 2.02 9.24 6.78
CA VAL A 374 2.85 8.09 6.90
C VAL A 374 4.20 8.23 6.29
N ASP A 375 4.25 8.97 5.20
CA ASP A 375 5.52 9.08 4.49
C ASP A 375 6.64 9.85 5.21
N ALA A 376 6.21 10.70 6.16
CA ALA A 376 7.08 11.55 6.94
C ALA A 376 7.97 10.76 7.87
N HIS A 377 7.57 9.51 8.16
CA HIS A 377 8.30 8.74 9.22
C HIS A 377 8.88 7.41 8.82
N SER A 378 8.41 6.86 7.72
CA SER A 378 8.85 5.55 7.37
C SER A 378 10.33 5.47 7.03
N GLY A 379 10.86 6.33 6.20
CA GLY A 379 12.28 6.17 5.76
C GLY A 379 13.35 6.21 6.84
N VAL A 380 13.11 6.98 7.90
CA VAL A 380 14.08 7.19 8.98
C VAL A 380 14.25 5.86 9.68
N LEU A 381 13.12 5.13 9.78
CA LEU A 381 13.14 3.83 10.41
C LEU A 381 14.05 2.90 9.65
N LEU A 382 13.91 2.89 8.33
CA LEU A 382 14.72 2.03 7.41
C LEU A 382 16.23 2.32 7.42
N GLN A 383 16.55 3.64 7.28
CA GLN A 383 17.91 4.23 7.23
C GLN A 383 18.68 3.76 8.48
N TYR A 384 18.01 3.81 9.61
CA TYR A 384 18.58 3.41 10.88
C TYR A 384 19.06 2.01 10.78
N TYR A 385 18.27 1.14 10.19
CA TYR A 385 18.73 -0.22 10.10
C TYR A 385 19.75 -0.49 9.00
N GLY A 386 20.23 0.50 8.27
CA GLY A 386 21.26 0.18 7.29
C GLY A 386 20.74 0.12 5.87
N MET A 387 19.45 0.32 5.74
CA MET A 387 18.85 0.37 4.43
C MET A 387 18.71 1.82 4.01
N THR A 388 19.78 2.36 3.55
CA THR A 388 19.87 3.74 3.21
C THR A 388 19.65 4.05 1.76
N GLU A 389 19.24 3.07 0.94
CA GLU A 389 19.03 3.31 -0.48
C GLU A 389 17.61 3.82 -0.64
N MET A 390 17.39 5.10 -0.46
CA MET A 390 16.07 5.85 -0.44
C MET A 390 15.22 5.73 -1.74
N ASN A 391 15.85 5.69 -2.92
CA ASN A 391 15.10 5.50 -4.16
C ASN A 391 14.48 4.16 -4.15
N TYR A 392 14.75 3.35 -3.17
CA TYR A 392 14.15 2.01 -3.14
C TYR A 392 12.91 1.90 -2.24
N TYR A 393 12.79 2.82 -1.27
CA TYR A 393 11.71 2.80 -0.29
C TYR A 393 10.28 2.51 -0.78
N THR A 394 9.92 3.13 -1.91
CA THR A 394 8.61 2.98 -2.45
C THR A 394 8.26 1.52 -2.85
N VAL A 395 9.30 0.76 -3.16
CA VAL A 395 9.05 -0.62 -3.50
C VAL A 395 8.48 -1.31 -2.30
N LEU A 396 9.01 -0.96 -1.13
CA LEU A 396 8.53 -1.61 0.06
C LEU A 396 7.11 -1.31 0.21
N PHE A 397 6.77 -0.08 -0.08
CA PHE A 397 5.32 0.42 0.07
C PHE A 397 4.43 -0.41 -0.87
N GLY A 398 4.98 -0.57 -2.08
CA GLY A 398 4.33 -1.39 -3.11
C GLY A 398 4.05 -2.79 -2.64
N VAL A 399 5.08 -3.50 -2.16
CA VAL A 399 4.86 -4.85 -1.72
C VAL A 399 3.72 -4.93 -0.68
N SER A 400 3.64 -3.95 0.26
CA SER A 400 2.60 -3.95 1.29
C SER A 400 1.19 -3.74 0.72
N ARG A 401 1.08 -2.73 -0.16
CA ARG A 401 -0.17 -2.25 -0.71
C ARG A 401 -0.92 -3.30 -1.42
N ALA A 402 -0.15 -4.25 -1.98
CA ALA A 402 -0.66 -5.46 -2.67
C ALA A 402 -1.65 -6.15 -1.76
N LEU A 403 -1.27 -6.26 -0.46
CA LEU A 403 -2.17 -6.82 0.55
C LEU A 403 -3.57 -6.26 0.50
N GLY A 404 -3.71 -4.93 0.39
CA GLY A 404 -5.08 -4.37 0.38
C GLY A 404 -5.80 -4.32 -0.95
N VAL A 405 -5.12 -3.87 -1.99
CA VAL A 405 -5.78 -3.76 -3.26
C VAL A 405 -6.19 -5.12 -3.84
N LEU A 406 -5.36 -6.14 -3.60
CA LEU A 406 -5.69 -7.43 -4.06
C LEU A 406 -6.82 -8.09 -3.25
N ALA A 407 -6.90 -7.82 -1.96
CA ALA A 407 -7.94 -8.40 -1.11
C ALA A 407 -9.31 -7.88 -1.60
N GLN A 408 -9.36 -6.54 -1.86
CA GLN A 408 -10.54 -5.87 -2.45
C GLN A 408 -10.84 -6.33 -3.88
N LEU A 409 -9.78 -6.53 -4.70
CA LEU A 409 -9.97 -6.97 -6.08
C LEU A 409 -10.81 -8.20 -6.11
N ILE A 410 -10.47 -9.13 -5.19
CA ILE A 410 -11.22 -10.37 -5.04
C ILE A 410 -12.72 -10.09 -4.68
N TRP A 411 -12.98 -9.08 -3.83
CA TRP A 411 -14.33 -8.75 -3.56
C TRP A 411 -15.08 -8.07 -4.73
N SER A 412 -14.43 -7.15 -5.44
CA SER A 412 -15.09 -6.47 -6.56
C SER A 412 -15.74 -7.42 -7.55
N ARG A 413 -14.87 -8.39 -7.90
CA ARG A 413 -15.15 -9.51 -8.84
C ARG A 413 -16.19 -10.45 -8.20
N ALA A 414 -15.99 -10.77 -6.90
CA ALA A 414 -17.02 -11.59 -6.22
C ALA A 414 -18.41 -10.92 -6.23
N LEU A 415 -18.45 -9.60 -6.08
CA LEU A 415 -19.69 -8.83 -6.05
C LEU A 415 -20.24 -8.38 -7.39
N GLY A 416 -19.52 -8.72 -8.46
CA GLY A 416 -19.95 -8.32 -9.80
C GLY A 416 -19.91 -6.82 -10.01
N PHE A 417 -18.97 -6.14 -9.35
CA PHE A 417 -18.83 -4.71 -9.57
C PHE A 417 -18.50 -4.48 -11.07
N PRO A 418 -19.23 -3.59 -11.75
CA PRO A 418 -19.05 -3.36 -13.16
C PRO A 418 -17.93 -2.37 -13.53
N LEU A 419 -17.97 -2.01 -14.80
CA LEU A 419 -17.04 -1.11 -15.36
C LEU A 419 -17.08 0.25 -14.73
N GLU A 420 -15.90 0.70 -14.25
CA GLU A 420 -15.81 2.04 -13.66
C GLU A 420 -15.75 2.96 -14.79
N ARG A 421 -16.82 3.67 -15.01
CA ARG A 421 -16.78 4.53 -16.14
C ARG A 421 -17.67 5.75 -15.91
N PRO A 422 -17.09 6.83 -15.31
CA PRO A 422 -17.89 8.05 -15.02
C PRO A 422 -18.02 8.91 -16.25
N LYS A 423 -18.79 9.98 -16.13
CA LYS A 423 -19.01 10.93 -17.21
C LYS A 423 -18.05 12.09 -17.08
N SER A 424 -17.41 12.48 -18.16
CA SER A 424 -16.54 13.63 -18.01
C SER A 424 -17.17 14.83 -18.69
N MET A 425 -16.59 15.99 -18.46
CA MET A 425 -17.13 17.17 -19.06
C MET A 425 -16.03 18.10 -19.43
N SER A 426 -16.30 19.06 -20.31
CA SER A 426 -15.31 20.05 -20.61
C SER A 426 -15.66 21.34 -19.91
N THR A 427 -14.69 22.27 -19.89
CA THR A 427 -14.97 23.59 -19.32
C THR A 427 -16.12 24.31 -20.01
N ASP A 428 -16.16 24.27 -21.37
CA ASP A 428 -17.21 24.87 -22.27
C ASP A 428 -18.56 24.29 -21.95
N GLY A 429 -18.59 22.96 -21.97
CA GLY A 429 -19.72 22.18 -21.57
C GLY A 429 -20.20 22.56 -20.16
N LEU A 430 -19.30 22.53 -19.21
CA LEU A 430 -19.72 22.90 -17.88
C LEU A 430 -20.27 24.33 -17.84
N ILE A 431 -19.55 25.24 -18.50
CA ILE A 431 -19.97 26.58 -18.53
C ILE A 431 -21.36 26.64 -19.11
N ALA A 432 -21.62 25.88 -20.14
CA ALA A 432 -22.94 25.90 -20.72
C ALA A 432 -23.99 25.15 -19.91
N LEU A 433 -23.62 24.17 -19.06
CA LEU A 433 -24.61 23.31 -18.28
C LEU A 433 -25.53 24.06 -17.29
N1A ACO B . 3.60 21.14 0.88
C2A ACO B . 3.22 22.32 0.26
N3A ACO B . 1.99 22.69 -0.08
C4A ACO B . 1.08 21.76 0.19
C5A ACO B . 1.29 20.51 0.84
C6A ACO B . 2.68 20.21 1.25
N6A ACO B . 3.02 19.09 1.78
N7A ACO B . 0.11 19.85 1.04
C8A ACO B . -0.84 20.70 0.57
N9A ACO B . -0.30 21.82 -0.04
C1B ACO B . -1.01 22.78 -0.96
C2B ACO B . -1.65 22.07 -2.12
O2B ACO B . -0.64 21.77 -3.05
C3B ACO B . -2.56 23.19 -2.65
O3B ACO B . -1.85 24.18 -3.28
P3B ACO B . -2.64 24.68 -4.67
O7A ACO B . -2.68 23.40 -5.63
O8A ACO B . -1.80 25.79 -5.45
O9A ACO B . -4.11 25.14 -4.26
C4B ACO B . -3.21 23.63 -1.31
O4B ACO B . -2.16 23.33 -0.28
C5B ACO B . -4.46 22.91 -0.91
O5B ACO B . -4.21 21.50 -1.15
P1A ACO B . -4.80 20.43 -0.07
O1A ACO B . -6.29 20.41 -0.25
O2A ACO B . -4.28 20.73 1.31
O3A ACO B . -4.28 19.09 -0.56
P2A ACO B . -4.82 18.02 -1.69
O4A ACO B . -6.09 17.32 -1.25
O5A ACO B . -5.04 18.59 -3.08
O6A ACO B . -3.51 17.02 -1.71
CBP ACO B . -1.60 15.98 -0.69
CCP ACO B . -3.10 16.32 -0.55
CDP ACO B . -1.10 14.83 0.23
CEP ACO B . -1.53 15.56 -2.17
CAP ACO B . -0.76 17.28 -0.37
OAP ACO B . -0.75 17.57 1.05
C9P ACO B . 0.69 17.15 -0.79
O9P ACO B . 1.10 17.47 -2.05
N8P ACO B . 1.46 16.59 0.09
C7P ACO B . 2.89 16.52 -0.04
C6P ACO B . 3.20 15.22 -0.73
C5P ACO B . 2.92 14.07 0.20
O5P ACO B . 3.44 14.00 1.37
N4P ACO B . 2.24 13.11 -0.36
C3P ACO B . 1.88 11.79 0.32
C2P ACO B . 0.52 12.01 0.97
S1P ACO B . -0.75 10.76 0.47
C ACO B . 0.15 9.24 0.14
O ACO B . 0.63 9.27 -0.96
CH3 ACO B . 0.69 8.60 1.11
C1 LMR C . -2.01 5.97 1.17
O1A LMR C . -1.24 5.48 1.97
O1B LMR C . -2.44 5.41 0.16
C2 LMR C . -2.62 7.27 1.51
O2 LMR C . -1.90 7.91 2.65
C3 LMR C . -2.92 8.15 0.36
C4 LMR C . -4.40 8.45 0.42
O4A LMR C . -4.97 9.25 -0.46
O4B LMR C . -5.06 7.90 1.45
#